data_6NVU
#
_entry.id   6NVU
#
_cell.length_a   98.640
_cell.length_b   98.640
_cell.length_c   100.400
_cell.angle_alpha   90.000
_cell.angle_beta   90.000
_cell.angle_gamma   90.000
#
_symmetry.space_group_name_H-M   'P 41 21 2'
#
loop_
_entity.id
_entity.type
_entity.pdbx_description
1 polymer Beta-lactamase
2 non-polymer 'SULFATE ION'
3 non-polymer 'ACETATE ION'
4 non-polymer N-(2-HYDROXY-4-OXO-BUTYL)-N-(3-OXO-TRANSPROPENYL)AMINE
5 non-polymer 'CHLORIDE ION'
6 non-polymer '2,5-bis(2-hydroxyethyl)-1,3-oxazole-4-carboxylic acid'
7 non-polymer 'SODIUM ION'
8 non-polymer '(2R,3Z,5R)-3-(2-HYDROXYETHYLIDENE)-7-OXO-4-OXA-1-AZABICYCLO[3.2.0]HEPTANE-2-CARBOXYLIC ACID'
9 water water
#
_entity_poly.entity_id   1
_entity_poly.type   'polypeptide(L)'
_entity_poly.pdbx_seq_one_letter_code
;KGTDSLKSSIEKYLKDKKAKVGVAVLGIEDNFKLNVNEKHHYPMQSTYKFHLALAVLDKLDKENISIDKKLFVKKSELLP
NTWSPLRDKYPDGNVDLSISEILKATVSRSDNNGCDILFRFVGGTNKVHNFISKLGVKNISIKATEEEMHKAWNVQYTNW
TTPDATVQLLKKFYKNEILSKNSYDYLLNTMIETTTGPKRLKGLLPDGTVVAHKTGSSDTNDKGITAATNDIGIITLPNG
KHFAIAVYVSDSSEKSDVNEKIIAEICKSVWDYLVKD
;
_entity_poly.pdbx_strand_id   A
#
loop_
_chem_comp.id
_chem_comp.type
_chem_comp.name
_chem_comp.formula
ACT non-polymer 'ACETATE ION' 'C2 H3 O2 -1'
CL non-polymer 'CHLORIDE ION' 'Cl -1'
J01 non-polymer '(2R,3Z,5R)-3-(2-HYDROXYETHYLIDENE)-7-OXO-4-OXA-1-AZABICYCLO[3.2.0]HEPTANE-2-CARBOXYLIC ACID' 'C8 H9 N O5'
L4A non-polymer '2,5-bis(2-hydroxyethyl)-1,3-oxazole-4-carboxylic acid' 'C8 H11 N O5'
NA non-polymer 'SODIUM ION' 'Na 1'
SO4 non-polymer 'SULFATE ION' 'O4 S -2'
TEM non-polymer N-(2-HYDROXY-4-OXO-BUTYL)-N-(3-OXO-TRANSPROPENYL)AMINE 'C7 H11 N O3'
#
# COMPACT_ATOMS: atom_id res chain seq x y z
N LYS A 1 -10.70 23.94 17.20
CA LYS A 1 -9.87 23.93 16.01
C LYS A 1 -8.48 23.38 16.31
N GLY A 2 -7.50 23.79 15.51
CA GLY A 2 -6.20 23.15 15.51
C GLY A 2 -6.23 21.92 14.61
N THR A 3 -5.69 20.81 15.11
CA THR A 3 -5.81 19.56 14.36
C THR A 3 -7.25 19.05 14.28
N ASP A 4 -8.18 19.77 14.89
CA ASP A 4 -9.59 19.38 14.88
C ASP A 4 -10.37 20.07 13.76
N SER A 5 -10.14 21.36 13.52
CA SER A 5 -10.74 21.96 12.35
C SER A 5 -10.24 21.28 11.07
N LEU A 6 -9.09 20.61 11.14
CA LEU A 6 -8.62 19.83 10.00
C LEU A 6 -9.47 18.58 9.83
N LYS A 7 -9.72 17.85 10.91
CA LYS A 7 -10.59 16.68 10.83
C LYS A 7 -12.00 17.06 10.39
N SER A 8 -12.56 18.09 11.01
CA SER A 8 -13.87 18.55 10.62
C SER A 8 -13.90 19.02 9.18
N SER A 9 -12.80 19.62 8.71
CA SER A 9 -12.69 20.03 7.31
C SER A 9 -12.73 18.83 6.37
N ILE A 10 -12.07 17.73 6.75
CA ILE A 10 -12.06 16.57 5.86
C ILE A 10 -13.43 15.91 5.85
N GLU A 11 -14.07 15.81 7.02
CA GLU A 11 -15.42 15.30 7.10
C GLU A 11 -16.39 16.11 6.26
N LYS A 12 -16.27 17.44 6.30
CA LYS A 12 -17.12 18.28 5.47
C LYS A 12 -16.95 17.94 3.99
N TYR A 13 -15.71 17.70 3.57
CA TYR A 13 -15.43 17.38 2.18
C TYR A 13 -16.00 16.04 1.80
N LEU A 14 -16.02 15.10 2.73
CA LEU A 14 -16.50 13.77 2.45
C LEU A 14 -18.03 13.67 2.46
N LYS A 15 -18.72 14.70 2.96
CA LYS A 15 -20.17 14.62 3.18
C LYS A 15 -20.91 14.20 1.91
N ASP A 16 -20.66 14.88 0.80
CA ASP A 16 -21.36 14.63 -0.45
C ASP A 16 -20.69 13.58 -1.35
N LYS A 17 -19.66 12.88 -0.88
CA LYS A 17 -18.99 11.86 -1.67
C LYS A 17 -19.64 10.51 -1.41
N LYS A 18 -20.12 9.86 -2.48
CA LYS A 18 -20.81 8.58 -2.36
C LYS A 18 -19.77 7.47 -2.22
N ALA A 19 -19.24 7.32 -1.00
CA ALA A 19 -18.18 6.37 -0.72
C ALA A 19 -17.88 6.40 0.77
N LYS A 20 -17.22 5.35 1.25
CA LYS A 20 -16.78 5.21 2.63
C LYS A 20 -15.27 5.39 2.65
N VAL A 21 -14.81 6.56 3.09
CA VAL A 21 -13.41 6.93 2.99
C VAL A 21 -12.77 6.91 4.37
N GLY A 22 -11.70 6.13 4.53
CA GLY A 22 -10.92 6.11 5.75
C GLY A 22 -9.60 6.86 5.59
N VAL A 23 -9.17 7.51 6.66
CA VAL A 23 -7.99 8.35 6.63
C VAL A 23 -7.21 8.13 7.91
N ALA A 24 -5.88 8.14 7.82
CA ALA A 24 -5.01 8.13 8.98
C ALA A 24 -3.71 8.82 8.65
N VAL A 25 -3.24 9.67 9.57
CA VAL A 25 -1.98 10.38 9.43
C VAL A 25 -1.18 10.22 10.71
N LEU A 26 0.10 9.90 10.57
CA LEU A 26 0.99 9.76 11.71
C LEU A 26 2.28 10.51 11.41
N GLY A 27 2.60 11.49 12.24
CA GLY A 27 3.89 12.13 12.13
C GLY A 27 5.01 11.12 12.36
N ILE A 28 6.10 11.30 11.64
CA ILE A 28 7.27 10.44 11.82
C ILE A 28 8.13 11.01 12.95
N GLU A 29 8.65 12.22 12.76
CA GLU A 29 9.53 12.83 13.74
C GLU A 29 8.75 13.40 14.91
N ASP A 30 7.69 14.14 14.62
CA ASP A 30 6.82 14.70 15.63
C ASP A 30 5.57 13.84 15.77
N ASN A 31 4.96 13.88 16.95
CA ASN A 31 3.91 12.93 17.30
C ASN A 31 2.53 13.50 16.98
N PHE A 32 2.28 13.66 15.69
CA PHE A 32 1.02 14.16 15.15
C PHE A 32 0.14 12.99 14.74
N LYS A 33 -1.16 13.11 14.99
CA LYS A 33 -2.08 12.02 14.72
C LYS A 33 -3.38 12.57 14.16
N LEU A 34 -4.02 11.81 13.26
CA LEU A 34 -5.31 12.18 12.70
C LEU A 34 -6.04 10.95 12.20
N ASN A 35 -7.33 10.86 12.52
CA ASN A 35 -8.17 9.74 12.12
C ASN A 35 -9.46 10.26 11.54
N VAL A 36 -9.92 9.64 10.46
CA VAL A 36 -11.26 9.88 9.96
C VAL A 36 -11.87 8.53 9.59
N ASN A 37 -13.06 8.26 10.12
CA ASN A 37 -13.78 7.01 9.85
C ASN A 37 -12.86 5.81 10.08
N GLU A 38 -12.45 5.67 11.33
CA GLU A 38 -11.41 4.69 11.66
C GLU A 38 -11.96 3.32 12.03
N LYS A 39 -13.08 3.24 12.77
CA LYS A 39 -13.58 1.95 13.25
C LYS A 39 -14.23 1.12 12.16
N HIS A 40 -13.57 0.99 11.02
CA HIS A 40 -14.14 0.41 9.82
C HIS A 40 -13.06 -0.42 9.15
N HIS A 41 -13.47 -1.41 8.37
CA HIS A 41 -12.54 -2.29 7.67
C HIS A 41 -12.63 -2.00 6.19
N TYR A 42 -11.52 -1.54 5.60
CA TYR A 42 -11.42 -1.20 4.20
C TYR A 42 -10.60 -2.25 3.47
N PRO A 43 -11.05 -2.71 2.30
CA PRO A 43 -10.23 -3.66 1.54
C PRO A 43 -8.96 -2.99 1.05
N MET A 44 -7.86 -3.73 1.13
CA MET A 44 -6.54 -3.18 0.89
C MET A 44 -6.18 -3.17 -0.57
N GLN A 45 -6.74 -4.09 -1.36
CA GLN A 45 -6.27 -4.41 -2.70
C GLN A 45 -4.75 -4.49 -2.76
N SER A 46 -4.12 -3.88 -3.78
CA SER A 46 -2.69 -4.07 -4.00
C SER A 46 -1.83 -3.42 -2.93
N THR A 47 -2.40 -2.66 -2.00
CA THR A 47 -1.57 -2.03 -0.98
C THR A 47 -0.90 -3.06 -0.10
N TYR A 48 -1.50 -4.24 0.06
CA TYR A 48 -0.92 -5.24 0.93
C TYR A 48 0.36 -5.84 0.37
N LYS A 49 0.73 -5.49 -0.87
CA LYS A 49 2.05 -5.86 -1.36
C LYS A 49 3.15 -5.22 -0.53
N PHE A 50 2.89 -4.04 0.07
CA PHE A 50 3.82 -3.46 1.03
C PHE A 50 4.07 -4.39 2.21
N HIS A 51 3.00 -4.90 2.84
CA HIS A 51 3.14 -5.83 3.94
C HIS A 51 3.89 -7.08 3.50
N LEU A 52 3.60 -7.58 2.30
CA LEU A 52 4.30 -8.78 1.83
C LEU A 52 5.79 -8.53 1.70
N ALA A 53 6.17 -7.43 1.05
CA ALA A 53 7.59 -7.12 0.89
C ALA A 53 8.28 -7.04 2.24
N LEU A 54 7.56 -6.55 3.26
CA LEU A 54 8.11 -6.52 4.62
C LEU A 54 8.41 -7.94 5.11
N ALA A 55 7.44 -8.84 4.95
CA ALA A 55 7.63 -10.22 5.35
C ALA A 55 8.76 -10.87 4.56
N VAL A 56 8.85 -10.56 3.26
CA VAL A 56 9.93 -11.11 2.46
C VAL A 56 11.26 -10.59 2.98
N LEU A 57 11.39 -9.26 3.11
CA LEU A 57 12.66 -8.67 3.49
C LEU A 57 13.07 -9.15 4.88
N ASP A 58 12.09 -9.31 5.77
CA ASP A 58 12.40 -9.83 7.10
C ASP A 58 12.92 -11.26 7.04
N LYS A 59 12.27 -12.11 6.25
CA LYS A 59 12.77 -13.47 6.09
C LYS A 59 14.21 -13.47 5.57
N LEU A 60 14.54 -12.58 4.65
CA LEU A 60 15.92 -12.53 4.17
C LEU A 60 16.86 -12.11 5.28
N ASP A 61 16.51 -11.03 5.99
CA ASP A 61 17.38 -10.56 7.08
C ASP A 61 17.62 -11.67 8.07
N LYS A 62 16.56 -12.36 8.49
CA LYS A 62 16.66 -13.30 9.61
C LYS A 62 17.42 -14.56 9.21
N GLU A 63 17.16 -15.10 8.03
CA GLU A 63 17.83 -16.30 7.58
C GLU A 63 19.14 -16.01 6.86
N ASN A 64 19.51 -14.73 6.75
CA ASN A 64 20.77 -14.30 6.15
C ASN A 64 20.87 -14.78 4.70
N ILE A 65 19.79 -14.56 3.95
CA ILE A 65 19.71 -14.89 2.54
C ILE A 65 19.84 -13.60 1.75
N SER A 66 20.70 -13.61 0.74
CA SER A 66 20.91 -12.42 -0.08
C SER A 66 19.70 -12.13 -0.96
N ILE A 67 19.36 -10.84 -1.08
CA ILE A 67 18.31 -10.38 -1.98
C ILE A 67 18.66 -10.66 -3.44
N ASP A 68 19.86 -11.14 -3.70
CA ASP A 68 20.29 -11.47 -5.03
C ASP A 68 20.08 -12.94 -5.38
N LYS A 69 19.73 -13.79 -4.41
CA LYS A 69 19.51 -15.20 -4.70
C LYS A 69 18.35 -15.35 -5.68
N LYS A 70 18.51 -16.27 -6.64
CA LYS A 70 17.54 -16.44 -7.71
C LYS A 70 16.51 -17.51 -7.37
N LEU A 71 15.27 -17.28 -7.79
CA LEU A 71 14.17 -18.20 -7.57
C LEU A 71 13.68 -18.71 -8.91
N PHE A 72 13.51 -20.02 -9.04
CA PHE A 72 12.95 -20.59 -10.26
C PHE A 72 11.44 -20.41 -10.24
N VAL A 73 10.92 -19.69 -11.22
CA VAL A 73 9.49 -19.47 -11.36
C VAL A 73 8.99 -20.36 -12.48
N LYS A 74 8.05 -21.25 -12.16
CA LYS A 74 7.47 -22.09 -13.18
C LYS A 74 6.55 -21.27 -14.06
N LYS A 75 6.45 -21.66 -15.34
CA LYS A 75 5.57 -20.95 -16.26
C LYS A 75 4.12 -21.03 -15.78
N SER A 76 3.71 -22.17 -15.19
CA SER A 76 2.34 -22.22 -14.66
C SER A 76 2.05 -21.13 -13.63
N GLU A 77 3.07 -20.48 -13.09
CA GLU A 77 2.84 -19.48 -12.06
C GLU A 77 2.68 -18.07 -12.62
N LEU A 78 3.14 -17.83 -13.85
CA LEU A 78 2.94 -16.54 -14.50
C LEU A 78 1.58 -16.59 -15.19
N LEU A 79 0.53 -16.41 -14.39
CA LEU A 79 -0.83 -16.46 -14.88
C LEU A 79 -1.05 -15.38 -15.93
N PRO A 80 -1.89 -15.64 -16.93
CA PRO A 80 -2.29 -14.60 -17.87
C PRO A 80 -3.47 -13.80 -17.33
N ASN A 81 -3.78 -12.71 -18.04
CA ASN A 81 -4.96 -11.89 -17.76
C ASN A 81 -4.97 -11.36 -16.33
N THR A 82 -3.80 -10.99 -15.85
CA THR A 82 -3.65 -10.22 -14.63
C THR A 82 -2.43 -9.34 -14.83
N TRP A 83 -2.41 -8.21 -14.16
CA TRP A 83 -1.31 -7.28 -14.40
C TRP A 83 0.00 -7.90 -13.97
N SER A 84 0.90 -8.14 -14.92
CA SER A 84 2.15 -8.77 -14.55
C SER A 84 3.26 -8.47 -15.55
N PRO A 85 4.01 -7.38 -15.35
CA PRO A 85 5.16 -7.10 -16.23
C PRO A 85 6.20 -8.20 -16.22
N LEU A 86 6.21 -9.03 -15.17
CA LEU A 86 7.09 -10.19 -15.15
C LEU A 86 6.71 -11.18 -16.23
N ARG A 87 5.43 -11.55 -16.32
CA ARG A 87 5.01 -12.47 -17.37
C ARG A 87 5.27 -11.86 -18.73
N ASP A 88 5.07 -10.56 -18.87
CA ASP A 88 5.24 -9.94 -20.17
C ASP A 88 6.70 -9.90 -20.55
N LYS A 89 7.60 -9.87 -19.57
CA LYS A 89 9.02 -9.93 -19.88
C LYS A 89 9.47 -11.37 -20.14
N TYR A 90 8.99 -12.32 -19.35
CA TYR A 90 9.35 -13.73 -19.48
C TYR A 90 8.10 -14.56 -19.76
N PRO A 91 7.50 -14.41 -20.95
CA PRO A 91 6.25 -15.13 -21.26
C PRO A 91 6.35 -16.65 -21.21
N ASP A 92 7.54 -17.22 -21.16
CA ASP A 92 7.67 -18.67 -21.16
C ASP A 92 7.99 -19.23 -19.80
N GLY A 93 8.17 -18.37 -18.79
CA GLY A 93 8.39 -18.84 -17.45
C GLY A 93 9.63 -19.72 -17.38
N ASN A 94 9.61 -20.62 -16.40
CA ASN A 94 10.71 -21.55 -16.17
C ASN A 94 12.04 -20.81 -16.23
N VAL A 95 12.16 -19.81 -15.36
CA VAL A 95 13.26 -18.86 -15.39
C VAL A 95 13.70 -18.58 -13.95
N ASP A 96 15.01 -18.40 -13.77
CA ASP A 96 15.57 -18.01 -12.47
C ASP A 96 15.57 -16.49 -12.37
N LEU A 97 14.74 -15.96 -11.47
CA LEU A 97 14.64 -14.53 -11.23
C LEU A 97 15.09 -14.24 -9.81
N SER A 98 15.96 -13.24 -9.66
CA SER A 98 16.40 -12.84 -8.33
C SER A 98 15.23 -12.30 -7.52
N ILE A 99 15.27 -12.52 -6.21
CA ILE A 99 14.26 -11.98 -5.33
C ILE A 99 14.18 -10.47 -5.46
N SER A 100 15.35 -9.83 -5.62
CA SER A 100 15.41 -8.40 -5.92
C SER A 100 14.52 -8.02 -7.10
N GLU A 101 14.64 -8.74 -8.20
CA GLU A 101 13.86 -8.39 -9.38
C GLU A 101 12.38 -8.63 -9.13
N ILE A 102 12.03 -9.71 -8.44
CA ILE A 102 10.61 -10.01 -8.19
C ILE A 102 10.01 -8.98 -7.24
N LEU A 103 10.74 -8.61 -6.18
CA LEU A 103 10.30 -7.55 -5.29
C LEU A 103 10.04 -6.26 -6.04
N LYS A 104 10.98 -5.86 -6.89
CA LYS A 104 10.85 -4.66 -7.70
C LYS A 104 9.53 -4.67 -8.47
N ALA A 105 9.28 -5.73 -9.22
CA ALA A 105 8.03 -5.84 -9.97
C ALA A 105 6.82 -5.77 -9.05
N THR A 106 6.88 -6.45 -7.90
CA THR A 106 5.73 -6.53 -7.01
C THR A 106 5.43 -5.18 -6.35
N VAL A 107 6.45 -4.47 -5.87
CA VAL A 107 6.24 -3.23 -5.14
C VAL A 107 6.14 -2.03 -6.07
N SER A 108 7.10 -1.82 -6.97
CA SER A 108 7.08 -0.61 -7.79
C SER A 108 6.08 -0.70 -8.94
N ARG A 109 5.77 -1.90 -9.41
CA ARG A 109 4.91 -2.03 -10.58
C ARG A 109 3.68 -2.87 -10.28
N SER A 110 3.48 -3.24 -9.02
CA SER A 110 2.25 -3.90 -8.56
C SER A 110 1.97 -5.20 -9.31
N ASP A 111 3.04 -5.98 -9.54
CA ASP A 111 2.91 -7.27 -10.25
C ASP A 111 2.10 -8.25 -9.42
N ASN A 112 0.95 -8.67 -9.95
CA ASN A 112 0.13 -9.67 -9.27
C ASN A 112 0.81 -11.02 -9.22
N ASN A 113 1.46 -11.44 -10.30
CA ASN A 113 2.15 -12.73 -10.28
C ASN A 113 3.37 -12.66 -9.37
N GLY A 114 4.15 -11.59 -9.46
CA GLY A 114 5.24 -11.42 -8.52
C GLY A 114 4.78 -11.53 -7.08
N CYS A 115 3.65 -10.88 -6.76
CA CYS A 115 3.06 -10.97 -5.43
C CYS A 115 2.82 -12.43 -5.01
N ASP A 116 2.19 -13.22 -5.88
CA ASP A 116 1.88 -14.59 -5.51
C ASP A 116 3.12 -15.46 -5.42
N ILE A 117 4.12 -15.17 -6.25
CA ILE A 117 5.43 -15.81 -6.10
C ILE A 117 5.99 -15.53 -4.71
N LEU A 118 5.89 -14.28 -4.26
CA LEU A 118 6.50 -13.91 -2.98
C LEU A 118 5.68 -14.44 -1.80
N PHE A 119 4.37 -14.63 -1.98
CA PHE A 119 3.60 -15.32 -0.96
C PHE A 119 4.08 -16.76 -0.81
N ARG A 120 4.29 -17.45 -1.94
CA ARG A 120 4.84 -18.80 -1.86
C ARG A 120 6.16 -18.81 -1.12
N PHE A 121 6.97 -17.75 -1.29
CA PHE A 121 8.31 -17.78 -0.74
C PHE A 121 8.31 -17.65 0.78
N VAL A 122 7.38 -16.86 1.34
CA VAL A 122 7.35 -16.68 2.79
C VAL A 122 6.45 -17.69 3.48
N GLY A 123 5.77 -18.55 2.74
CA GLY A 123 4.95 -19.58 3.35
C GLY A 123 3.46 -19.29 3.42
N GLY A 124 2.94 -18.38 2.62
CA GLY A 124 1.51 -18.23 2.46
C GLY A 124 0.98 -16.99 3.15
N THR A 125 -0.30 -16.70 2.86
CA THR A 125 -0.91 -15.47 3.37
C THR A 125 -0.95 -15.46 4.89
N ASN A 126 -1.13 -16.61 5.52
CA ASN A 126 -1.18 -16.63 6.98
C ASN A 126 0.18 -16.31 7.60
N LYS A 127 1.27 -16.73 6.96
CA LYS A 127 2.57 -16.37 7.50
C LYS A 127 2.76 -14.86 7.49
N VAL A 128 2.28 -14.18 6.43
CA VAL A 128 2.40 -12.72 6.41
C VAL A 128 1.54 -12.10 7.50
N HIS A 129 0.34 -12.66 7.71
CA HIS A 129 -0.54 -12.19 8.78
C HIS A 129 0.14 -12.26 10.14
N ASN A 130 0.74 -13.40 10.46
CA ASN A 130 1.46 -13.54 11.72
C ASN A 130 2.59 -12.51 11.84
N PHE A 131 3.41 -12.38 10.79
CA PHE A 131 4.54 -11.47 10.85
C PHE A 131 4.10 -10.06 11.20
N ILE A 132 3.02 -9.58 10.59
CA ILE A 132 2.48 -8.25 10.87
C ILE A 132 1.96 -8.18 12.31
N SER A 133 1.18 -9.18 12.71
CA SER A 133 0.63 -9.20 14.06
C SER A 133 1.76 -9.20 15.12
N LYS A 134 2.78 -10.05 14.93
CA LYS A 134 3.91 -10.11 15.85
C LYS A 134 4.66 -8.79 15.95
N LEU A 135 4.51 -7.90 14.96
CA LEU A 135 5.11 -6.57 15.07
C LEU A 135 4.32 -5.65 16.00
N GLY A 136 3.18 -6.09 16.52
CA GLY A 136 2.36 -5.22 17.33
C GLY A 136 1.50 -4.27 16.54
N VAL A 137 1.03 -4.67 15.35
CA VAL A 137 0.03 -3.94 14.59
C VAL A 137 -1.20 -4.85 14.46
N LYS A 138 -2.31 -4.40 15.02
CA LYS A 138 -3.56 -5.17 15.01
C LYS A 138 -4.45 -4.71 13.87
N ASN A 139 -5.53 -5.46 13.64
CA ASN A 139 -6.56 -5.10 12.65
C ASN A 139 -5.99 -5.00 11.24
N ILE A 140 -5.16 -5.96 10.85
CA ILE A 140 -4.84 -6.21 9.45
C ILE A 140 -5.18 -7.67 9.18
N SER A 141 -6.08 -7.90 8.25
CA SER A 141 -6.40 -9.26 7.82
C SER A 141 -5.85 -9.48 6.43
N ILE A 142 -5.06 -10.55 6.27
CA ILE A 142 -4.39 -10.93 5.02
C ILE A 142 -4.76 -12.39 4.78
N LYS A 143 -5.68 -12.63 3.84
CA LYS A 143 -6.23 -13.96 3.62
C LYS A 143 -6.17 -14.46 2.18
N ALA A 144 -5.93 -13.60 1.19
CA ALA A 144 -6.09 -13.99 -0.21
C ALA A 144 -4.89 -13.58 -1.04
N THR A 145 -4.37 -14.53 -1.82
CA THR A 145 -3.40 -14.23 -2.87
C THR A 145 -4.08 -13.45 -3.98
N GLU A 146 -3.27 -12.79 -4.82
CA GLU A 146 -3.84 -12.08 -5.96
C GLU A 146 -4.68 -13.02 -6.81
N GLU A 147 -4.26 -14.28 -6.93
CA GLU A 147 -5.03 -15.23 -7.73
C GLU A 147 -6.40 -15.43 -7.13
N GLU A 148 -6.47 -15.56 -5.79
CA GLU A 148 -7.75 -15.75 -5.13
C GLU A 148 -8.62 -14.49 -5.19
N MET A 149 -8.01 -13.32 -5.25
CA MET A 149 -8.81 -12.11 -5.31
C MET A 149 -9.45 -11.91 -6.67
N HIS A 150 -8.85 -12.45 -7.72
CA HIS A 150 -9.39 -12.29 -9.07
C HIS A 150 -10.53 -13.24 -9.35
N LYS A 151 -10.86 -14.16 -8.44
CA LYS A 151 -12.04 -14.99 -8.62
C LYS A 151 -13.29 -14.21 -8.20
N ALA A 152 -13.95 -14.61 -7.12
CA ALA A 152 -15.24 -14.02 -6.79
C ALA A 152 -15.08 -12.60 -6.30
N TRP A 153 -16.12 -11.80 -6.55
CA TRP A 153 -16.10 -10.39 -6.21
C TRP A 153 -15.84 -10.19 -4.73
N ASN A 154 -16.42 -11.04 -3.88
CA ASN A 154 -16.34 -10.80 -2.45
C ASN A 154 -14.93 -10.96 -1.90
N VAL A 155 -14.05 -11.67 -2.61
CA VAL A 155 -12.83 -12.18 -1.98
C VAL A 155 -11.89 -11.04 -1.58
N GLN A 156 -11.94 -9.90 -2.28
CA GLN A 156 -11.09 -8.77 -1.91
C GLN A 156 -11.44 -8.19 -0.55
N TYR A 157 -12.69 -8.32 -0.11
CA TYR A 157 -13.06 -7.75 1.18
C TYR A 157 -12.48 -8.52 2.36
N THR A 158 -11.78 -9.63 2.11
CA THR A 158 -11.17 -10.43 3.16
C THR A 158 -9.70 -10.08 3.38
N ASN A 159 -9.11 -9.23 2.55
CA ASN A 159 -7.84 -8.55 2.85
C ASN A 159 -8.22 -7.16 3.32
N TRP A 160 -8.32 -6.96 4.63
CA TRP A 160 -8.81 -5.66 5.10
C TRP A 160 -7.91 -5.06 6.17
N THR A 161 -8.09 -3.78 6.38
CA THR A 161 -7.26 -3.04 7.29
C THR A 161 -8.09 -1.90 7.86
N THR A 162 -7.67 -1.40 9.00
CA THR A 162 -8.05 -0.08 9.45
C THR A 162 -7.05 0.93 8.92
N PRO A 163 -7.42 2.20 8.81
CA PRO A 163 -6.43 3.19 8.35
C PRO A 163 -5.33 3.42 9.38
N ASP A 164 -5.67 3.33 10.66
CA ASP A 164 -4.69 3.47 11.73
C ASP A 164 -3.62 2.41 11.63
N ALA A 165 -4.01 1.17 11.36
CA ALA A 165 -3.05 0.06 11.35
C ALA A 165 -2.00 0.29 10.26
N THR A 166 -2.42 0.85 9.14
CA THR A 166 -1.51 1.14 8.05
C THR A 166 -0.45 2.16 8.46
N VAL A 167 -0.87 3.32 8.96
CA VAL A 167 0.11 4.35 9.32
C VAL A 167 1.02 3.84 10.43
N GLN A 168 0.51 2.98 11.32
CA GLN A 168 1.38 2.37 12.32
C GLN A 168 2.44 1.48 11.68
N LEU A 169 2.04 0.70 10.67
CA LEU A 169 3.00 -0.13 9.96
C LEU A 169 4.00 0.72 9.18
N LEU A 170 3.51 1.77 8.51
CA LEU A 170 4.38 2.64 7.75
C LEU A 170 5.44 3.28 8.63
N LYS A 171 5.04 3.77 9.81
CA LYS A 171 5.99 4.51 10.61
C LYS A 171 6.96 3.57 11.34
N LYS A 172 6.49 2.41 11.80
CA LYS A 172 7.45 1.39 12.24
C LYS A 172 8.50 1.15 11.16
N PHE A 173 8.04 0.91 9.92
CA PHE A 173 8.95 0.64 8.80
C PHE A 173 9.89 1.80 8.55
N TYR A 174 9.39 3.03 8.60
CA TYR A 174 10.21 4.17 8.21
C TYR A 174 11.28 4.47 9.25
N LYS A 175 10.92 4.45 10.53
CA LYS A 175 11.87 4.65 11.62
C LYS A 175 12.86 3.50 11.79
N ASN A 176 12.90 2.64 10.76
CA ASN A 176 13.80 1.49 10.69
C ASN A 176 13.69 0.58 11.92
N GLU A 177 12.46 0.35 12.36
CA GLU A 177 12.25 -0.59 13.46
C GLU A 177 11.94 -2.00 12.99
N ILE A 178 11.92 -2.28 11.68
CA ILE A 178 11.47 -3.56 11.17
C ILE A 178 12.61 -4.32 10.48
N LEU A 179 13.43 -3.63 9.71
CA LEU A 179 14.32 -4.30 8.77
C LEU A 179 15.76 -3.90 9.03
N SER A 180 16.66 -4.68 8.44
CA SER A 180 18.06 -4.28 8.34
C SER A 180 18.19 -3.00 7.52
N LYS A 181 19.34 -2.34 7.65
CA LYS A 181 19.55 -1.08 6.93
C LYS A 181 19.54 -1.28 5.41
N ASN A 182 20.15 -2.37 4.93
CA ASN A 182 20.15 -2.62 3.49
C ASN A 182 18.74 -2.95 2.99
N SER A 183 17.96 -3.72 3.75
CA SER A 183 16.61 -4.04 3.33
C SER A 183 15.70 -2.83 3.39
N TYR A 184 15.80 -2.04 4.46
CA TYR A 184 15.06 -0.79 4.56
C TYR A 184 15.31 0.06 3.31
N ASP A 185 16.60 0.36 3.06
CA ASP A 185 16.97 1.18 1.92
C ASP A 185 16.37 0.65 0.63
N TYR A 186 16.34 -0.68 0.46
CA TYR A 186 15.89 -1.22 -0.82
C TYR A 186 14.39 -1.06 -0.99
N LEU A 187 13.61 -1.43 0.02
CA LEU A 187 12.16 -1.30 -0.13
C LEU A 187 11.75 0.17 -0.23
N LEU A 188 12.39 1.05 0.52
CA LEU A 188 12.07 2.47 0.40
C LEU A 188 12.26 2.96 -1.02
N ASN A 189 13.37 2.59 -1.66
CA ASN A 189 13.68 3.09 -2.99
C ASN A 189 12.71 2.55 -4.03
N THR A 190 12.28 1.30 -3.87
CA THR A 190 11.25 0.80 -4.77
C THR A 190 9.92 1.50 -4.55
N MET A 191 9.63 1.95 -3.33
CA MET A 191 8.39 2.69 -3.11
C MET A 191 8.50 4.14 -3.58
N ILE A 192 9.71 4.70 -3.68
CA ILE A 192 9.87 6.02 -4.28
C ILE A 192 9.87 5.92 -5.79
N GLU A 193 10.56 4.92 -6.33
CA GLU A 193 10.77 4.82 -7.77
C GLU A 193 9.60 4.13 -8.43
N THR A 194 8.39 4.55 -8.09
CA THR A 194 7.20 4.02 -8.74
C THR A 194 6.56 5.15 -9.54
N THR A 195 5.84 4.77 -10.59
CA THR A 195 5.08 5.72 -11.39
C THR A 195 3.58 5.60 -11.12
N THR A 196 3.17 4.77 -10.19
CA THR A 196 1.76 4.55 -9.98
C THR A 196 1.16 5.72 -9.18
N GLY A 197 -0.16 5.77 -9.16
CA GLY A 197 -0.90 6.78 -8.46
C GLY A 197 -0.43 8.22 -8.61
N PRO A 198 -0.12 8.65 -9.84
CA PRO A 198 0.31 10.05 -10.01
C PRO A 198 -0.74 11.04 -9.58
N LYS A 199 -2.02 10.65 -9.60
CA LYS A 199 -3.10 11.55 -9.23
C LYS A 199 -3.66 11.25 -7.85
N ARG A 200 -2.94 10.48 -7.03
CA ARG A 200 -3.46 10.13 -5.71
C ARG A 200 -2.81 10.99 -4.64
N LEU A 201 -1.98 10.41 -3.76
CA LEU A 201 -1.39 11.22 -2.70
C LEU A 201 -0.52 12.33 -3.28
N LYS A 202 0.12 12.08 -4.42
CA LYS A 202 1.03 13.03 -5.05
C LYS A 202 0.32 14.11 -5.86
N GLY A 203 -0.97 13.92 -6.16
CA GLY A 203 -1.61 14.70 -7.22
C GLY A 203 -1.52 16.20 -7.05
N LEU A 204 -1.83 16.71 -5.87
CA LEU A 204 -1.83 18.15 -5.67
C LEU A 204 -0.62 18.65 -4.90
N LEU A 205 0.37 17.80 -4.68
CA LEU A 205 1.49 18.21 -3.86
C LEU A 205 2.45 19.03 -4.72
N PRO A 206 3.27 19.87 -4.11
CA PRO A 206 4.28 20.62 -4.88
C PRO A 206 5.17 19.70 -5.71
N ASP A 207 5.69 20.24 -6.82
CA ASP A 207 6.58 19.46 -7.66
C ASP A 207 7.90 19.17 -6.96
N GLY A 208 8.34 17.92 -7.04
CA GLY A 208 9.54 17.49 -6.35
C GLY A 208 9.32 16.90 -4.96
N THR A 209 8.10 16.91 -4.45
CA THR A 209 7.83 16.28 -3.17
C THR A 209 8.14 14.79 -3.22
N VAL A 210 8.99 14.33 -2.30
CA VAL A 210 9.32 12.91 -2.21
C VAL A 210 8.13 12.15 -1.61
N VAL A 211 7.69 11.11 -2.30
CA VAL A 211 6.54 10.33 -1.84
C VAL A 211 6.86 8.85 -2.04
N ALA A 212 7.06 8.14 -0.94
CA ALA A 212 7.20 6.69 -0.99
C ALA A 212 5.83 6.07 -0.73
N HIS A 213 5.30 5.32 -1.70
CA HIS A 213 3.91 4.92 -1.58
C HIS A 213 3.63 3.63 -2.33
N LYS A 214 2.41 3.14 -2.13
CA LYS A 214 1.91 1.91 -2.73
C LYS A 214 0.42 2.08 -2.93
N THR A 215 -0.01 1.94 -4.16
CA THR A 215 -1.42 2.06 -4.47
C THR A 215 -2.11 0.69 -4.44
N GLY A 216 -3.43 0.74 -4.55
CA GLY A 216 -4.24 -0.45 -4.74
C GLY A 216 -5.52 -0.04 -5.40
N SER A 217 -6.04 -0.92 -6.25
CA SER A 217 -7.23 -0.60 -7.03
C SER A 217 -8.04 -1.85 -7.28
N SER A 218 -9.34 -1.67 -7.48
CA SER A 218 -10.28 -2.74 -7.74
C SER A 218 -11.08 -2.43 -9.00
N ASP A 219 -11.96 -3.36 -9.36
CA ASP A 219 -12.90 -3.13 -10.45
C ASP A 219 -14.13 -2.40 -9.96
N THR A 220 -15.00 -2.05 -10.91
CA THR A 220 -16.34 -1.54 -10.65
C THR A 220 -17.35 -2.59 -11.06
N ASN A 221 -18.24 -2.95 -10.15
CA ASN A 221 -19.24 -3.96 -10.50
C ASN A 221 -20.36 -3.35 -11.34
N ASP A 222 -21.37 -4.16 -11.68
CA ASP A 222 -22.39 -3.65 -12.59
C ASP A 222 -23.45 -2.81 -11.90
N LYS A 223 -23.39 -2.63 -10.58
CA LYS A 223 -24.15 -1.57 -9.94
C LYS A 223 -23.32 -0.33 -9.71
N GLY A 224 -22.18 -0.19 -10.40
CA GLY A 224 -21.39 1.01 -10.34
C GLY A 224 -20.57 1.18 -9.07
N ILE A 225 -20.23 0.09 -8.39
CA ILE A 225 -19.49 0.15 -7.13
C ILE A 225 -18.04 -0.22 -7.39
N THR A 226 -17.14 0.72 -7.15
CA THR A 226 -15.71 0.44 -7.11
C THR A 226 -15.35 0.11 -5.66
N ALA A 227 -14.96 -1.15 -5.43
CA ALA A 227 -14.71 -1.63 -4.08
C ALA A 227 -13.59 -0.86 -3.39
N ALA A 228 -12.48 -0.64 -4.09
CA ALA A 228 -11.30 -0.10 -3.43
C ALA A 228 -10.53 0.83 -4.36
N THR A 229 -10.26 2.05 -3.90
CA THR A 229 -9.29 2.95 -4.52
C THR A 229 -8.39 3.50 -3.41
N ASN A 230 -7.11 3.09 -3.40
CA ASN A 230 -6.25 3.31 -2.24
C ASN A 230 -4.89 3.87 -2.61
N ASP A 231 -4.29 4.56 -1.65
CA ASP A 231 -2.90 4.97 -1.70
C ASP A 231 -2.43 5.21 -0.27
N ILE A 232 -1.22 4.75 0.04
CA ILE A 232 -0.65 4.81 1.38
C ILE A 232 0.84 5.07 1.22
N GLY A 233 1.45 5.75 2.18
CA GLY A 233 2.90 5.90 2.12
C GLY A 233 3.44 6.98 3.04
N ILE A 234 4.66 7.42 2.73
CA ILE A 234 5.42 8.38 3.53
C ILE A 234 5.80 9.55 2.65
N ILE A 235 5.59 10.77 3.15
CA ILE A 235 5.78 12.01 2.41
C ILE A 235 6.77 12.92 3.13
N THR A 236 7.62 13.59 2.37
CA THR A 236 8.59 14.53 2.90
C THR A 236 8.00 15.94 2.84
N LEU A 237 8.09 16.65 3.98
CA LEU A 237 7.64 18.02 4.11
C LEU A 237 8.76 18.98 3.74
N PRO A 238 8.42 20.23 3.38
CA PRO A 238 9.46 21.19 2.97
C PRO A 238 10.57 21.41 3.99
N ASN A 239 10.27 21.32 5.28
CA ASN A 239 11.28 21.42 6.32
C ASN A 239 12.07 20.13 6.53
N GLY A 240 11.82 19.09 5.71
CA GLY A 240 12.60 17.87 5.80
C GLY A 240 12.05 16.79 6.71
N LYS A 241 10.97 17.07 7.44
CA LYS A 241 10.31 16.06 8.25
C LYS A 241 9.43 15.17 7.36
N HIS A 242 8.84 14.13 7.94
CA HIS A 242 8.00 13.21 7.18
C HIS A 242 6.71 12.90 7.91
N PHE A 243 5.66 12.56 7.15
CA PHE A 243 4.46 11.98 7.74
C PHE A 243 3.97 10.79 6.93
N ALA A 244 3.48 9.77 7.64
CA ALA A 244 2.81 8.63 7.04
C ALA A 244 1.32 8.91 6.94
N ILE A 245 0.72 8.47 5.83
CA ILE A 245 -0.67 8.77 5.52
C ILE A 245 -1.22 7.58 4.78
N ALA A 246 -2.51 7.32 5.00
CA ALA A 246 -3.24 6.33 4.22
C ALA A 246 -4.65 6.85 3.98
N VAL A 247 -5.13 6.69 2.73
CA VAL A 247 -6.49 7.05 2.35
C VAL A 247 -7.11 5.85 1.64
N TYR A 248 -8.22 5.35 2.16
CA TYR A 248 -8.96 4.21 1.60
C TYR A 248 -10.33 4.69 1.15
N VAL A 249 -10.53 4.83 -0.16
CA VAL A 249 -11.86 5.13 -0.70
C VAL A 249 -12.52 3.80 -1.05
N SER A 250 -13.48 3.38 -0.23
CA SER A 250 -14.11 2.08 -0.39
C SER A 250 -15.53 2.23 -0.90
N ASP A 251 -16.00 1.18 -1.58
CA ASP A 251 -17.39 1.04 -2.02
C ASP A 251 -17.95 2.37 -2.53
N SER A 252 -17.21 2.94 -3.48
CA SER A 252 -17.55 4.22 -4.06
C SER A 252 -18.57 4.07 -5.18
N SER A 253 -19.50 5.01 -5.26
CA SER A 253 -20.32 5.17 -6.45
C SER A 253 -19.76 6.26 -7.35
N GLU A 254 -18.71 6.94 -6.91
CA GLU A 254 -18.19 8.07 -7.62
C GLU A 254 -17.44 7.61 -8.87
N LYS A 255 -17.32 8.51 -9.82
CA LYS A 255 -16.46 8.26 -10.96
C LYS A 255 -15.02 8.02 -10.51
N SER A 256 -14.28 7.31 -11.35
CA SER A 256 -12.90 6.98 -11.04
C SER A 256 -12.06 8.22 -10.73
N ASP A 257 -12.08 9.24 -11.59
CA ASP A 257 -11.21 10.38 -11.34
C ASP A 257 -11.61 11.15 -10.10
N VAL A 258 -12.90 11.11 -9.72
CA VAL A 258 -13.31 11.67 -8.45
C VAL A 258 -12.66 10.89 -7.30
N ASN A 259 -12.60 9.56 -7.42
CA ASN A 259 -12.04 8.73 -6.36
C ASN A 259 -10.58 9.09 -6.07
N GLU A 260 -9.80 9.38 -7.11
CA GLU A 260 -8.39 9.75 -6.88
C GLU A 260 -8.29 11.17 -6.33
N LYS A 261 -9.10 12.09 -6.87
CA LYS A 261 -9.20 13.45 -6.35
C LYS A 261 -9.51 13.48 -4.87
N ILE A 262 -10.30 12.52 -4.38
CA ILE A 262 -10.55 12.44 -2.95
C ILE A 262 -9.25 12.19 -2.19
N ILE A 263 -8.47 11.20 -2.65
CA ILE A 263 -7.16 10.96 -2.06
C ILE A 263 -6.30 12.20 -2.17
N ALA A 264 -6.25 12.81 -3.36
CA ALA A 264 -5.41 13.97 -3.56
C ALA A 264 -5.82 15.15 -2.68
N GLU A 265 -7.12 15.45 -2.62
CA GLU A 265 -7.55 16.61 -1.86
C GLU A 265 -7.27 16.40 -0.38
N ILE A 266 -7.64 15.23 0.14
CA ILE A 266 -7.44 14.94 1.55
C ILE A 266 -5.96 15.07 1.92
N CYS A 267 -5.07 14.40 1.18
CA CYS A 267 -3.64 14.52 1.44
C CYS A 267 -3.17 15.96 1.31
N LYS A 268 -3.71 16.70 0.35
CA LYS A 268 -3.31 18.09 0.15
C LYS A 268 -3.67 18.95 1.35
N SER A 269 -4.85 18.73 1.93
CA SER A 269 -5.24 19.53 3.09
C SER A 269 -4.39 19.16 4.30
N VAL A 270 -4.02 17.89 4.44
CA VAL A 270 -3.10 17.49 5.49
C VAL A 270 -1.74 18.12 5.23
N TRP A 271 -1.31 18.12 3.98
CA TRP A 271 -0.03 18.75 3.63
C TRP A 271 0.00 20.21 4.02
N ASP A 272 -1.11 20.92 3.82
CA ASP A 272 -1.13 22.34 4.11
C ASP A 272 -1.12 22.60 5.61
N TYR A 273 -1.79 21.74 6.38
CA TYR A 273 -1.82 21.94 7.82
C TYR A 273 -0.43 21.78 8.41
N LEU A 274 0.26 20.70 8.04
CA LEU A 274 1.59 20.41 8.58
C LEU A 274 2.65 21.35 8.04
N VAL A 275 2.42 21.99 6.90
CA VAL A 275 3.40 22.92 6.38
C VAL A 275 3.47 24.18 7.25
N LYS A 276 2.35 24.54 7.89
CA LYS A 276 2.34 25.52 8.98
C LYS A 276 2.82 24.83 10.25
N ASP A 277 4.13 24.95 10.53
CA ASP A 277 4.87 24.22 11.58
C ASP A 277 4.21 22.92 12.03
S SO4 B . -5.96 -6.90 -13.08
O1 SO4 B . -5.27 -6.11 -14.11
O2 SO4 B . -5.32 -8.20 -12.94
O3 SO4 B . -5.82 -6.21 -11.79
O4 SO4 B . -7.37 -7.05 -13.44
C ACT C . -4.49 -9.22 15.13
O ACT C . -3.53 -8.60 15.66
OXT ACT C . -4.48 -10.36 14.64
CH3 ACT C . -5.88 -8.44 15.09
C ACT D . -16.25 14.86 -15.42
O ACT D . -15.57 15.43 -16.32
OXT ACT D . -15.84 14.30 -14.38
CH3 ACT D . -17.81 14.81 -15.60
C ACT E . 21.37 -4.03 10.34
O ACT E . 21.98 -3.07 9.78
OXT ACT E . 20.43 -3.97 11.18
CH3 ACT E . 21.84 -5.48 9.92
O1 TEM F . -9.17 -7.15 -10.05
C2 TEM F . -8.97 -7.24 -8.89
C3 TEM F . -7.58 -6.89 -8.28
N4 TEM F . -6.66 -6.20 -9.21
C5 TEM F . -5.52 -5.37 -8.80
C6 TEM F . -4.92 -5.49 -7.63
C7 TEM F . -3.74 -4.58 -7.21
O8 TEM F . -4.28 -3.38 -6.71
C9 TEM F . -10.13 -7.72 -8.00
C10 TEM F . -11.31 -6.74 -8.02
O11 TEM F . -12.51 -7.46 -8.11
CL CL G . 4.65 23.52 -7.61
CL CL H . 3.00 -23.61 -7.28
C1 L4A I . -2.77 -0.31 -9.02
C2 L4A I . -1.46 -0.86 -10.66
C3 L4A I . -2.23 -1.96 -10.27
C4 L4A I . -2.22 -3.36 -10.86
C5 L4A I . -3.59 -3.65 -11.51
C6 L4A I . -0.39 -0.81 -11.77
C7 L4A I . -3.49 0.47 -7.95
O1 L4A I . -2.99 -1.56 -9.29
O2 L4A I . -4.60 -3.08 -10.72
O3 L4A I . 0.26 0.24 -12.04
O4 L4A I . -0.19 -1.86 -12.44
O6 L4A I . -3.76 2.42 -9.29
C8 L4A I . -4.50 1.41 -8.61
N1 L4A I . -1.83 0.16 -9.84
NA NA J . -1.73 -1.58 -7.40
O2 J01 K . 2.01 20.64 12.37
C5 J01 K . 2.63 19.78 12.93
C4 J01 K . 2.31 18.58 13.80
C3 J01 K . 3.85 18.33 13.79
N1 J01 K . 4.00 19.54 12.99
O1 J01 K . 4.24 17.21 12.96
C1 J01 K . 4.87 17.70 11.86
C2 J01 K . 4.84 19.21 11.83
C8 J01 K . 6.23 19.77 12.02
O5 J01 K . 6.99 19.81 11.08
O4 J01 K . 6.53 20.18 13.11
C6 J01 K . 5.49 16.81 10.96
C7 J01 K . 5.42 15.32 11.15
O3 J01 K . 6.63 14.84 11.69
O2 J01 L . 4.28 -23.32 -15.43
C5 J01 L . 4.69 -24.44 -15.60
C4 J01 L . 5.86 -25.11 -16.32
C3 J01 L . 5.08 -26.43 -16.05
N1 J01 L . 4.25 -25.69 -15.10
O1 J01 L . 5.84 -27.43 -15.33
C1 J01 L . 5.42 -27.45 -14.04
C2 J01 L . 4.48 -26.27 -13.79
C8 J01 L . 3.18 -26.65 -13.08
O5 J01 L . 3.14 -26.64 -11.87
O4 J01 L . 2.21 -26.96 -13.74
C6 J01 L . 5.87 -28.48 -13.16
C7 J01 L . 5.12 -29.05 -11.98
O3 J01 L . 5.95 -29.09 -10.82
#